data_4B3B
#
_entry.id   4B3B
#
_cell.length_a   40.227
_cell.length_b   60.589
_cell.length_c   87.524
_cell.angle_alpha   90.00
_cell.angle_beta   90.00
_cell.angle_gamma   90.00
#
_symmetry.space_group_name_H-M   'P 21 21 21'
#
loop_
_entity.id
_entity.type
_entity.pdbx_description
1 polymer 'DNA REPAIR AND RECOMBINATION PROTEIN RADA'
2 polymer 'FHTA TETRAPEPTIDE'
3 non-polymer 'PHOSPHATE ION'
4 water water
#
loop_
_entity_poly.entity_id
_entity_poly.type
_entity_poly.pdbx_seq_one_letter_code
_entity_poly.pdbx_strand_id
1 'polypeptide(L)'
;MATIGRISTGSKSLDKLLGGGIETQAITEVFGEFGSGKTQLAHTLAVMVQLPPEEGGLNGSVMWIDTENTFRPERIREIA
QNRGLDPDEVLKHIAYARAFNSNHQMLLVQQAEDMIKELLNTDRPVKLLIVDSLTSHFRSEYIGRGALAERQQKLAKHLA
DLHRLANLYDIAVFVTNQVQANGGHILAHSATLRVYLRKGKGGKRIARLIDAPHLPEGEAVFSITEKGIED
;
A
2 'polypeptide(L)' (ACE)FHTA(NH2) C
#
# COMPACT_ATOMS: atom_id res chain seq x y z
N ALA A 2 -7.04 12.31 -15.85
CA ALA A 2 -5.78 12.98 -15.55
C ALA A 2 -4.64 11.97 -15.56
N THR A 3 -3.43 12.44 -15.81
CA THR A 3 -2.32 11.54 -16.01
C THR A 3 -2.00 10.83 -14.71
N ILE A 4 -1.58 9.59 -14.80
CA ILE A 4 -1.29 8.88 -13.55
C ILE A 4 0.15 9.21 -13.15
N GLY A 5 0.42 9.01 -11.87
CA GLY A 5 1.74 9.10 -11.31
C GLY A 5 2.24 7.71 -10.94
N ARG A 6 3.54 7.58 -10.82
N ARG A 6 3.56 7.60 -10.75
CA ARG A 6 4.08 6.36 -10.29
CA ARG A 6 4.24 6.34 -10.46
C ARG A 6 4.97 6.69 -9.11
C ARG A 6 5.25 6.45 -9.31
N ILE A 7 5.04 5.70 -8.23
CA ILE A 7 5.89 5.78 -7.04
C ILE A 7 6.89 4.65 -7.11
N SER A 8 8.17 4.99 -7.14
CA SER A 8 9.21 3.97 -7.07
C SER A 8 9.14 3.21 -5.75
N THR A 9 9.44 1.93 -5.85
CA THR A 9 9.54 1.06 -4.70
C THR A 9 10.90 1.06 -4.04
N GLY A 10 11.90 1.62 -4.70
CA GLY A 10 13.26 1.52 -4.21
C GLY A 10 14.08 0.40 -4.84
N SER A 11 13.42 -0.56 -5.47
CA SER A 11 14.08 -1.62 -6.22
C SER A 11 13.89 -1.39 -7.71
N LYS A 12 14.98 -1.36 -8.47
CA LYS A 12 14.85 -1.17 -9.92
C LYS A 12 14.19 -2.39 -10.55
N SER A 13 14.46 -3.55 -10.02
CA SER A 13 13.87 -4.74 -10.54
C SER A 13 12.33 -4.75 -10.34
N LEU A 14 11.88 -4.44 -9.13
CA LEU A 14 10.45 -4.39 -8.87
C LEU A 14 9.82 -3.23 -9.66
N ASP A 15 10.51 -2.09 -9.75
CA ASP A 15 9.98 -0.98 -10.55
C ASP A 15 9.79 -1.39 -12.01
N LYS A 16 10.75 -2.14 -12.58
CA LYS A 16 10.61 -2.57 -13.97
C LYS A 16 9.39 -3.49 -14.12
N LEU A 17 9.22 -4.42 -13.18
CA LEU A 17 8.08 -5.33 -13.20
C LEU A 17 6.78 -4.53 -13.20
N LEU A 18 6.78 -3.41 -12.48
CA LEU A 18 5.60 -2.53 -12.30
C LEU A 18 5.48 -1.44 -13.37
N GLY A 19 6.36 -1.40 -14.37
CA GLY A 19 6.26 -0.34 -15.36
C GLY A 19 6.69 1.03 -14.88
N GLY A 20 7.47 1.07 -13.81
CA GLY A 20 8.01 2.32 -13.31
C GLY A 20 7.75 2.50 -11.83
N GLY A 21 6.76 1.81 -11.30
CA GLY A 21 6.39 2.01 -9.91
C GLY A 21 4.93 1.73 -9.70
N ILE A 22 4.45 1.79 -8.45
N ILE A 22 4.50 1.94 -8.47
CA ILE A 22 3.01 1.61 -8.27
CA ILE A 22 3.13 1.79 -8.06
C ILE A 22 2.33 2.86 -8.77
C ILE A 22 2.28 2.95 -8.64
N GLU A 23 1.14 2.65 -9.28
CA GLU A 23 0.36 3.69 -9.97
C GLU A 23 -0.63 4.39 -9.07
N THR A 24 -0.79 5.70 -9.28
CA THR A 24 -1.97 6.39 -8.79
C THR A 24 -3.18 6.00 -9.65
N GLN A 25 -4.37 6.27 -9.12
CA GLN A 25 -5.62 5.90 -9.80
C GLN A 25 -5.70 4.37 -9.97
N ALA A 26 -5.19 3.67 -8.96
CA ALA A 26 -5.15 2.21 -8.97
C ALA A 26 -5.07 1.72 -7.54
N ILE A 27 -5.55 0.50 -7.34
CA ILE A 27 -5.31 -0.29 -6.13
C ILE A 27 -4.34 -1.41 -6.47
N THR A 28 -3.16 -1.37 -5.84
CA THR A 28 -2.19 -2.44 -5.95
C THR A 28 -2.28 -3.29 -4.70
N GLU A 29 -2.54 -4.57 -4.89
CA GLU A 29 -2.63 -5.52 -3.80
C GLU A 29 -1.38 -6.38 -3.82
N VAL A 30 -0.62 -6.39 -2.73
N VAL A 30 -0.64 -6.40 -2.71
CA VAL A 30 0.40 -7.40 -2.55
CA VAL A 30 0.43 -7.37 -2.54
C VAL A 30 -0.17 -8.49 -1.67
C VAL A 30 -0.10 -8.48 -1.62
N PHE A 31 0.12 -9.73 -2.03
CA PHE A 31 -0.37 -10.86 -1.28
C PHE A 31 0.72 -11.91 -1.19
N GLY A 32 0.69 -12.62 -0.08
CA GLY A 32 1.68 -13.65 0.16
C GLY A 32 1.61 -14.10 1.60
N GLU A 33 2.42 -15.10 1.92
CA GLU A 33 2.41 -15.68 3.25
C GLU A 33 2.96 -14.70 4.28
N PHE A 34 2.67 -14.99 5.54
CA PHE A 34 3.24 -14.26 6.64
C PHE A 34 4.75 -14.23 6.45
N GLY A 35 5.36 -13.06 6.64
CA GLY A 35 6.79 -12.89 6.54
C GLY A 35 7.34 -12.63 5.14
N SER A 36 6.47 -12.44 4.15
N SER A 36 6.46 -12.48 4.16
CA SER A 36 6.92 -12.26 2.76
CA SER A 36 6.91 -12.27 2.79
C SER A 36 7.34 -10.82 2.42
C SER A 36 7.59 -10.93 2.59
N GLY A 37 7.19 -9.91 3.36
CA GLY A 37 7.65 -8.56 3.14
C GLY A 37 6.60 -7.53 2.73
N LYS A 38 5.32 -7.88 2.85
CA LYS A 38 4.26 -6.97 2.42
C LYS A 38 4.30 -5.66 3.18
N THR A 39 4.44 -5.75 4.49
CA THR A 39 4.49 -4.56 5.33
C THR A 39 5.80 -3.79 5.17
N GLN A 40 6.90 -4.47 4.85
CA GLN A 40 8.14 -3.76 4.54
C GLN A 40 7.97 -2.92 3.28
N LEU A 41 7.30 -3.46 2.27
CA LEU A 41 7.04 -2.68 1.06
C LEU A 41 6.16 -1.48 1.38
N ALA A 42 5.14 -1.65 2.23
CA ALA A 42 4.30 -0.54 2.63
C ALA A 42 5.11 0.56 3.31
N HIS A 43 5.98 0.22 4.25
CA HIS A 43 6.81 1.20 4.94
C HIS A 43 7.70 1.93 3.94
N THR A 44 8.30 1.18 3.01
CA THR A 44 9.19 1.76 2.03
C THR A 44 8.44 2.77 1.17
N LEU A 45 7.27 2.39 0.66
CA LEU A 45 6.46 3.28 -0.17
C LEU A 45 6.05 4.55 0.57
N ALA A 46 5.77 4.43 1.88
CA ALA A 46 5.37 5.58 2.67
C ALA A 46 6.48 6.65 2.77
N VAL A 47 7.74 6.24 2.56
CA VAL A 47 8.85 7.17 2.47
C VAL A 47 9.07 7.59 1.01
N MET A 48 9.14 6.63 0.07
CA MET A 48 9.42 6.96 -1.32
C MET A 48 8.45 7.98 -1.91
N VAL A 49 7.16 7.88 -1.57
CA VAL A 49 6.19 8.79 -2.16
C VAL A 49 6.49 10.24 -1.80
N GLN A 50 7.20 10.46 -0.69
CA GLN A 50 7.47 11.81 -0.21
C GLN A 50 8.61 12.47 -0.97
N LEU A 51 9.40 11.70 -1.72
CA LEU A 51 10.48 12.24 -2.53
C LEU A 51 9.91 13.06 -3.67
N PRO A 52 10.71 13.96 -4.23
CA PRO A 52 10.28 14.69 -5.44
C PRO A 52 10.22 13.73 -6.63
N PRO A 53 9.54 14.13 -7.70
CA PRO A 53 9.30 13.19 -8.80
C PRO A 53 10.56 12.76 -9.53
N GLU A 54 11.57 13.61 -9.63
CA GLU A 54 12.81 13.17 -10.28
C GLU A 54 13.58 12.15 -9.46
N GLU A 55 13.15 11.92 -8.22
CA GLU A 55 13.71 10.85 -7.38
C GLU A 55 12.73 9.69 -7.18
N GLY A 56 11.67 9.66 -7.95
CA GLY A 56 10.73 8.56 -7.90
C GLY A 56 9.54 8.70 -6.99
N GLY A 57 9.37 9.86 -6.38
CA GLY A 57 8.23 10.12 -5.54
C GLY A 57 7.22 11.03 -6.21
N LEU A 58 6.27 11.49 -5.40
CA LEU A 58 5.20 12.37 -5.88
C LEU A 58 5.06 13.59 -4.97
N ASN A 59 6.09 13.95 -4.22
N ASN A 59 6.10 13.86 -4.21
CA ASN A 59 5.99 15.02 -3.22
CA ASN A 59 6.06 14.93 -3.24
C ASN A 59 4.75 14.87 -2.34
C ASN A 59 4.73 14.84 -2.50
N GLY A 60 4.43 13.65 -1.99
CA GLY A 60 3.10 13.39 -1.45
C GLY A 60 3.05 13.08 0.02
N SER A 61 1.86 13.26 0.58
CA SER A 61 1.53 12.82 1.93
C SER A 61 0.93 11.39 1.89
N VAL A 62 0.85 10.77 3.05
CA VAL A 62 0.45 9.40 3.19
C VAL A 62 -0.68 9.29 4.21
N MET A 63 -1.64 8.40 3.95
CA MET A 63 -2.59 7.98 4.97
C MET A 63 -2.47 6.47 5.11
N TRP A 64 -2.51 5.97 6.34
CA TRP A 64 -2.23 4.57 6.66
C TRP A 64 -3.28 4.04 7.62
N ILE A 65 -4.02 3.03 7.18
CA ILE A 65 -5.00 2.31 7.99
C ILE A 65 -4.40 0.96 8.34
N ASP A 66 -4.18 0.74 9.64
CA ASP A 66 -3.52 -0.45 10.17
C ASP A 66 -4.54 -1.31 10.88
N THR A 67 -4.52 -2.60 10.59
CA THR A 67 -5.41 -3.54 11.28
C THR A 67 -4.69 -4.56 12.18
N GLU A 68 -3.37 -4.58 12.17
CA GLU A 68 -2.57 -5.58 12.87
C GLU A 68 -1.52 -4.99 13.77
N ASN A 69 -1.59 -3.68 14.01
CA ASN A 69 -0.59 -3.00 14.85
C ASN A 69 0.83 -3.17 14.34
N THR A 70 0.99 -3.22 13.02
CA THR A 70 2.28 -3.49 12.41
C THR A 70 2.99 -2.24 11.87
N PHE A 71 2.35 -1.07 11.94
CA PHE A 71 3.06 0.15 11.56
C PHE A 71 4.12 0.45 12.60
N ARG A 72 5.33 0.72 12.13
CA ARG A 72 6.47 0.98 12.99
C ARG A 72 7.09 2.32 12.65
N PRO A 73 6.78 3.36 13.44
CA PRO A 73 7.44 4.65 13.20
C PRO A 73 8.96 4.54 13.18
N GLU A 74 9.55 3.67 13.99
CA GLU A 74 11.00 3.50 13.97
C GLU A 74 11.55 2.98 12.64
N ARG A 75 10.76 2.17 11.94
CA ARG A 75 11.17 1.68 10.65
C ARG A 75 11.10 2.81 9.60
N ILE A 76 10.05 3.65 9.67
CA ILE A 76 9.98 4.81 8.82
C ILE A 76 11.22 5.69 9.06
N ARG A 77 11.56 5.91 10.33
CA ARG A 77 12.70 6.74 10.65
C ARG A 77 13.97 6.19 10.02
N GLU A 78 14.18 4.88 10.15
CA GLU A 78 15.36 4.24 9.61
C GLU A 78 15.45 4.43 8.07
N ILE A 79 14.37 4.13 7.37
CA ILE A 79 14.35 4.24 5.92
C ILE A 79 14.61 5.68 5.49
N ALA A 80 13.92 6.61 6.12
CA ALA A 80 14.07 8.04 5.81
C ALA A 80 15.52 8.48 6.00
N GLN A 81 16.11 8.18 7.16
CA GLN A 81 17.45 8.67 7.47
C GLN A 81 18.46 8.08 6.50
N ASN A 82 18.27 6.84 6.10
CA ASN A 82 19.25 6.20 5.23
C ASN A 82 19.07 6.58 3.76
N ARG A 83 18.04 7.39 3.49
CA ARG A 83 17.80 7.94 2.16
C ARG A 83 18.01 9.46 2.11
N GLY A 84 18.61 10.02 3.16
CA GLY A 84 18.96 11.43 3.15
C GLY A 84 17.87 12.35 3.64
N LEU A 85 16.81 11.79 4.22
CA LEU A 85 15.64 12.57 4.60
C LEU A 85 15.56 12.76 6.09
N ASP A 86 14.82 13.78 6.50
CA ASP A 86 14.61 14.04 7.90
C ASP A 86 13.53 13.13 8.42
N PRO A 87 13.87 12.23 9.36
CA PRO A 87 12.89 11.24 9.81
C PRO A 87 11.64 11.87 10.44
N ASP A 88 11.79 12.95 11.20
CA ASP A 88 10.62 13.56 11.84
C ASP A 88 9.67 14.20 10.81
N GLU A 89 10.21 14.81 9.77
CA GLU A 89 9.38 15.41 8.73
C GLU A 89 8.65 14.32 7.91
N VAL A 90 9.35 13.24 7.61
CA VAL A 90 8.74 12.11 6.90
C VAL A 90 7.59 11.54 7.75
N LEU A 91 7.83 11.35 9.05
CA LEU A 91 6.77 10.88 9.92
C LEU A 91 5.58 11.85 9.95
N LYS A 92 5.87 13.16 9.95
CA LYS A 92 4.83 14.18 10.04
C LYS A 92 3.82 14.04 8.92
N HIS A 93 4.27 13.63 7.73
CA HIS A 93 3.43 13.53 6.57
C HIS A 93 2.75 12.18 6.40
N ILE A 94 2.78 11.36 7.46
CA ILE A 94 2.00 10.14 7.51
C ILE A 94 0.89 10.33 8.54
N ALA A 95 -0.35 10.22 8.09
CA ALA A 95 -1.52 10.26 8.95
C ALA A 95 -1.94 8.82 9.18
N TYR A 96 -2.06 8.44 10.44
CA TYR A 96 -2.16 7.04 10.83
C TYR A 96 -3.42 6.78 11.64
N ALA A 97 -4.13 5.68 11.36
CA ALA A 97 -5.27 5.26 12.15
C ALA A 97 -5.28 3.75 12.26
N ARG A 98 -5.65 3.24 13.43
CA ARG A 98 -5.88 1.83 13.63
C ARG A 98 -7.35 1.53 13.47
N ALA A 99 -7.64 0.55 12.64
CA ALA A 99 -9.02 0.09 12.44
C ALA A 99 -9.35 -1.00 13.45
N PHE A 100 -10.39 -0.77 14.23
CA PHE A 100 -10.79 -1.67 15.30
C PHE A 100 -11.39 -2.98 14.79
N ASN A 101 -12.15 -2.90 13.71
CA ASN A 101 -12.87 -4.04 13.13
C ASN A 101 -13.16 -3.67 11.68
N SER A 102 -13.78 -4.56 10.92
CA SER A 102 -13.96 -4.29 9.49
C SER A 102 -14.94 -3.14 9.25
N ASN A 103 -15.93 -2.94 10.11
CA ASN A 103 -16.87 -1.85 9.89
C ASN A 103 -16.21 -0.51 10.14
N HIS A 104 -15.32 -0.46 11.13
CA HIS A 104 -14.55 0.76 11.40
C HIS A 104 -13.55 1.01 10.28
N GLN A 105 -12.93 -0.06 9.78
CA GLN A 105 -12.04 0.02 8.63
C GLN A 105 -12.75 0.67 7.45
N MET A 106 -13.99 0.25 7.21
N MET A 106 -14.00 0.28 7.22
CA MET A 106 -14.77 0.82 6.12
CA MET A 106 -14.75 0.84 6.10
C MET A 106 -15.05 2.30 6.33
C MET A 106 -15.14 2.29 6.32
N LEU A 107 -15.48 2.66 7.54
CA LEU A 107 -15.75 4.05 7.89
C LEU A 107 -14.48 4.91 7.77
N LEU A 108 -13.33 4.36 8.13
CA LEU A 108 -12.08 5.12 8.05
C LEU A 108 -11.77 5.57 6.63
N VAL A 109 -12.24 4.85 5.61
CA VAL A 109 -12.11 5.35 4.23
C VAL A 109 -12.87 6.67 3.99
N GLN A 110 -14.09 6.78 4.49
CA GLN A 110 -14.80 8.06 4.46
C GLN A 110 -14.12 9.13 5.30
N GLN A 111 -13.62 8.74 6.46
CA GLN A 111 -12.89 9.69 7.29
C GLN A 111 -11.70 10.22 6.52
N ALA A 112 -11.01 9.35 5.78
CA ALA A 112 -9.80 9.73 5.10
C ALA A 112 -10.05 10.80 4.05
N GLU A 113 -11.22 10.78 3.42
CA GLU A 113 -11.53 11.75 2.38
C GLU A 113 -11.45 13.19 2.90
N ASP A 114 -11.75 13.43 4.17
CA ASP A 114 -11.67 14.78 4.69
C ASP A 114 -10.24 15.34 4.60
N MET A 115 -9.26 14.57 5.05
CA MET A 115 -7.87 15.02 4.97
C MET A 115 -7.39 15.09 3.52
N ILE A 116 -7.85 14.15 2.68
CA ILE A 116 -7.48 14.18 1.28
C ILE A 116 -7.93 15.51 0.67
N LYS A 117 -9.17 15.90 0.92
CA LYS A 117 -9.68 17.16 0.40
C LYS A 117 -8.90 18.35 0.95
N GLU A 118 -8.55 18.32 2.23
N GLU A 118 -8.59 18.31 2.24
CA GLU A 118 -7.83 19.45 2.83
CA GLU A 118 -7.81 19.37 2.91
C GLU A 118 -6.42 19.62 2.27
C GLU A 118 -6.50 19.61 2.17
N LEU A 119 -5.76 18.53 1.90
CA LEU A 119 -4.40 18.64 1.41
C LEU A 119 -4.29 18.77 -0.12
N LEU A 120 -5.41 18.66 -0.81
CA LEU A 120 -5.41 18.42 -2.26
C LEU A 120 -4.67 19.46 -3.10
N ASN A 121 -4.91 20.73 -2.79
CA ASN A 121 -4.34 21.79 -3.60
C ASN A 121 -3.20 22.51 -2.81
N THR A 122 -2.62 21.81 -1.82
CA THR A 122 -1.32 22.16 -1.15
C THR A 122 -0.12 21.51 -1.84
N ASP A 123 1.08 21.81 -1.32
N ASP A 123 1.10 21.80 -1.38
CA ASP A 123 2.34 21.31 -1.89
CA ASP A 123 2.26 21.25 -2.07
C ASP A 123 2.54 19.81 -1.69
C ASP A 123 2.58 19.81 -1.66
N ARG A 124 1.86 19.24 -0.70
CA ARG A 124 2.03 17.82 -0.37
C ARG A 124 0.64 17.16 -0.27
N PRO A 125 -0.06 17.05 -1.41
CA PRO A 125 -1.35 16.34 -1.40
C PRO A 125 -1.16 14.88 -1.00
N VAL A 126 -2.21 14.24 -0.49
CA VAL A 126 -2.13 12.81 -0.26
C VAL A 126 -1.90 12.11 -1.60
N LYS A 127 -0.90 11.24 -1.64
CA LYS A 127 -0.60 10.47 -2.86
C LYS A 127 -0.54 8.97 -2.64
N LEU A 128 -0.60 8.53 -1.38
CA LEU A 128 -0.54 7.11 -1.04
C LEU A 128 -1.49 6.86 0.12
N LEU A 129 -2.35 5.85 -0.04
CA LEU A 129 -3.24 5.37 1.01
C LEU A 129 -2.96 3.89 1.16
N ILE A 130 -2.49 3.49 2.35
CA ILE A 130 -2.17 2.10 2.67
C ILE A 130 -3.26 1.52 3.53
N VAL A 131 -3.66 0.29 3.20
CA VAL A 131 -4.54 -0.51 4.08
C VAL A 131 -3.80 -1.83 4.33
N ASP A 132 -3.36 -2.01 5.57
CA ASP A 132 -2.51 -3.14 5.97
C ASP A 132 -3.05 -3.64 7.30
N SER A 133 -3.81 -4.73 7.35
CA SER A 133 -4.19 -5.66 6.28
C SER A 133 -5.56 -5.33 5.71
N LEU A 134 -5.72 -5.43 4.39
CA LEU A 134 -7.02 -5.26 3.78
C LEU A 134 -8.04 -6.27 4.31
N THR A 135 -7.60 -7.49 4.53
CA THR A 135 -8.50 -8.61 4.70
C THR A 135 -8.57 -9.24 6.08
N SER A 136 -7.62 -8.94 6.96
CA SER A 136 -7.55 -9.65 8.24
C SER A 136 -8.85 -9.56 9.06
N HIS A 137 -9.44 -8.38 9.19
CA HIS A 137 -10.68 -8.27 9.97
C HIS A 137 -11.83 -9.00 9.27
N PHE A 138 -11.87 -8.93 7.94
CA PHE A 138 -12.92 -9.59 7.19
C PHE A 138 -12.82 -11.12 7.40
N ARG A 139 -11.60 -11.64 7.42
N ARG A 139 -11.60 -11.64 7.40
CA ARG A 139 -11.37 -13.07 7.62
CA ARG A 139 -11.37 -13.05 7.64
C ARG A 139 -11.77 -13.54 9.02
C ARG A 139 -11.90 -13.48 9.00
N SER A 140 -11.58 -12.71 10.02
CA SER A 140 -11.96 -13.08 11.38
C SER A 140 -13.47 -12.96 11.62
N GLU A 141 -14.11 -11.96 11.02
CA GLU A 141 -15.50 -11.62 11.30
C GLU A 141 -16.51 -12.39 10.44
N TYR A 142 -16.18 -12.63 9.18
CA TYR A 142 -17.12 -13.27 8.27
C TYR A 142 -16.59 -14.67 7.99
N ILE A 143 -17.12 -15.64 8.71
CA ILE A 143 -16.54 -16.98 8.73
C ILE A 143 -17.66 -17.99 8.95
N GLY A 144 -17.56 -19.12 8.26
CA GLY A 144 -18.55 -20.18 8.36
C GLY A 144 -19.57 -20.14 7.25
N ARG A 145 -20.52 -21.05 7.32
CA ARG A 145 -21.51 -21.21 6.26
CA ARG A 145 -21.51 -21.21 6.26
C ARG A 145 -22.20 -19.88 5.98
N GLY A 146 -22.23 -19.49 4.71
CA GLY A 146 -22.79 -18.23 4.24
C GLY A 146 -21.81 -17.07 4.19
N ALA A 147 -20.65 -17.24 4.78
CA ALA A 147 -19.74 -16.12 4.90
C ALA A 147 -19.01 -15.81 3.61
N LEU A 148 -18.79 -16.78 2.74
CA LEU A 148 -18.03 -16.45 1.53
C LEU A 148 -18.74 -15.33 0.76
N ALA A 149 -20.04 -15.48 0.53
CA ALA A 149 -20.77 -14.50 -0.26
C ALA A 149 -20.80 -13.16 0.47
N GLU A 150 -21.06 -13.19 1.77
CA GLU A 150 -21.22 -11.95 2.55
C GLU A 150 -19.90 -11.19 2.62
N ARG A 151 -18.85 -11.93 2.92
CA ARG A 151 -17.54 -11.34 3.03
C ARG A 151 -17.12 -10.74 1.70
N GLN A 152 -17.32 -11.47 0.62
CA GLN A 152 -16.93 -10.97 -0.70
C GLN A 152 -17.69 -9.71 -1.10
N GLN A 153 -18.95 -9.62 -0.72
CA GLN A 153 -19.75 -8.45 -0.99
C GLN A 153 -19.21 -7.23 -0.24
N LYS A 154 -18.94 -7.40 1.06
CA LYS A 154 -18.47 -6.31 1.89
C LYS A 154 -17.10 -5.85 1.45
N LEU A 155 -16.23 -6.79 1.17
CA LEU A 155 -14.89 -6.46 0.70
C LEU A 155 -14.94 -5.75 -0.64
N ALA A 156 -15.82 -6.17 -1.54
CA ALA A 156 -15.95 -5.51 -2.81
C ALA A 156 -16.42 -4.05 -2.65
N LYS A 157 -17.33 -3.80 -1.73
CA LYS A 157 -17.82 -2.45 -1.44
C LYS A 157 -16.67 -1.59 -0.89
N HIS A 158 -15.92 -2.14 0.04
CA HIS A 158 -14.77 -1.46 0.59
C HIS A 158 -13.77 -1.11 -0.51
N LEU A 159 -13.50 -2.08 -1.39
CA LEU A 159 -12.58 -1.83 -2.50
C LEU A 159 -13.16 -0.80 -3.47
N ALA A 160 -14.48 -0.80 -3.69
CA ALA A 160 -15.08 0.24 -4.53
C ALA A 160 -14.85 1.63 -3.92
N ASP A 161 -14.98 1.75 -2.61
CA ASP A 161 -14.75 3.02 -1.92
C ASP A 161 -13.29 3.43 -2.10
N LEU A 162 -12.36 2.49 -1.99
CA LEU A 162 -10.95 2.75 -2.21
C LEU A 162 -10.66 3.15 -3.65
N HIS A 163 -11.28 2.47 -4.62
CA HIS A 163 -11.09 2.84 -6.03
C HIS A 163 -11.56 4.27 -6.27
N ARG A 164 -12.68 4.66 -5.66
CA ARG A 164 -13.19 6.02 -5.83
C ARG A 164 -12.16 7.02 -5.32
N LEU A 165 -11.57 6.79 -4.15
CA LEU A 165 -10.57 7.75 -3.66
C LEU A 165 -9.36 7.80 -4.57
N ALA A 166 -8.88 6.64 -5.00
CA ALA A 166 -7.73 6.56 -5.90
C ALA A 166 -7.98 7.39 -7.15
N ASN A 167 -9.16 7.20 -7.74
CA ASN A 167 -9.46 7.76 -9.04
C ASN A 167 -9.88 9.22 -8.97
N LEU A 168 -10.63 9.59 -7.94
CA LEU A 168 -11.15 10.94 -7.81
C LEU A 168 -10.03 11.91 -7.41
N TYR A 169 -9.08 11.45 -6.60
CA TYR A 169 -8.08 12.32 -6.00
C TYR A 169 -6.66 12.03 -6.44
N ASP A 170 -6.49 11.15 -7.41
CA ASP A 170 -5.19 10.80 -7.98
C ASP A 170 -4.21 10.29 -6.91
N ILE A 171 -4.62 9.20 -6.27
CA ILE A 171 -3.90 8.56 -5.18
C ILE A 171 -3.57 7.12 -5.55
N ALA A 172 -2.38 6.67 -5.17
CA ALA A 172 -2.04 5.24 -5.19
C ALA A 172 -2.56 4.58 -3.94
N VAL A 173 -3.43 3.60 -4.09
CA VAL A 173 -3.86 2.79 -2.97
C VAL A 173 -3.08 1.48 -2.96
N PHE A 174 -2.48 1.18 -1.83
CA PHE A 174 -1.62 0.00 -1.66
C PHE A 174 -2.16 -0.83 -0.50
N VAL A 175 -2.50 -2.08 -0.78
CA VAL A 175 -3.18 -2.92 0.20
C VAL A 175 -2.46 -4.25 0.32
N THR A 176 -2.52 -4.85 1.50
CA THR A 176 -1.87 -6.13 1.75
C THR A 176 -2.91 -7.21 2.07
N ASN A 177 -2.54 -8.45 1.73
CA ASN A 177 -3.42 -9.59 1.94
C ASN A 177 -2.58 -10.81 2.22
N GLN A 178 -2.79 -11.40 3.40
CA GLN A 178 -2.05 -12.60 3.79
C GLN A 178 -2.73 -13.85 3.26
N VAL A 179 -1.99 -14.62 2.47
CA VAL A 179 -2.53 -15.80 1.78
C VAL A 179 -1.53 -16.91 1.96
N ILE A 186 -9.76 -19.47 -5.07
CA ILE A 186 -10.68 -19.25 -6.18
C ILE A 186 -11.60 -18.07 -5.93
N LEU A 187 -11.28 -17.23 -4.94
CA LEU A 187 -12.10 -16.04 -4.69
C LEU A 187 -11.84 -14.97 -5.71
N ALA A 188 -12.89 -14.21 -6.05
CA ALA A 188 -12.74 -13.02 -6.87
C ALA A 188 -11.94 -11.96 -6.14
N HIS A 189 -11.24 -11.17 -6.92
CA HIS A 189 -10.52 -10.01 -6.39
C HIS A 189 -10.87 -8.79 -7.27
N SER A 190 -10.86 -7.60 -6.70
CA SER A 190 -11.12 -6.42 -7.52
C SER A 190 -10.04 -5.33 -7.44
N ALA A 191 -8.89 -5.65 -6.87
CA ALA A 191 -7.78 -4.72 -6.97
C ALA A 191 -7.41 -4.52 -8.45
N THR A 192 -6.78 -3.40 -8.78
CA THR A 192 -6.30 -3.16 -10.14
C THR A 192 -5.19 -4.10 -10.56
N LEU A 193 -4.23 -4.32 -9.66
CA LEU A 193 -3.03 -5.09 -9.95
C LEU A 193 -2.71 -5.93 -8.72
N ARG A 194 -2.44 -7.23 -8.92
CA ARG A 194 -2.10 -8.13 -7.83
C ARG A 194 -0.67 -8.61 -8.01
N VAL A 195 0.12 -8.45 -6.94
CA VAL A 195 1.53 -8.81 -6.90
C VAL A 195 1.70 -9.87 -5.84
N TYR A 196 2.16 -11.04 -6.25
CA TYR A 196 2.46 -12.15 -5.36
C TYR A 196 3.89 -12.01 -4.86
N LEU A 197 4.05 -11.99 -3.56
N LEU A 197 4.06 -11.92 -3.55
CA LEU A 197 5.33 -11.82 -2.91
CA LEU A 197 5.37 -11.85 -2.90
C LEU A 197 5.66 -13.04 -2.09
C LEU A 197 5.67 -13.15 -2.18
N ARG A 198 6.90 -13.50 -2.17
N ARG A 198 6.93 -13.55 -2.20
CA ARG A 198 7.34 -14.60 -1.32
CA ARG A 198 7.37 -14.67 -1.38
C ARG A 198 8.78 -14.40 -0.87
C ARG A 198 8.80 -14.45 -0.91
N LYS A 199 9.14 -15.12 0.18
CA LYS A 199 10.47 -15.03 0.75
C LYS A 199 11.31 -16.20 0.27
N GLY A 200 12.52 -15.89 -0.20
CA GLY A 200 13.52 -16.89 -0.53
C GLY A 200 14.46 -17.12 0.65
N LYS A 201 15.62 -16.46 0.66
CA LYS A 201 16.58 -16.64 1.75
C LYS A 201 17.15 -15.34 2.32
N GLY A 202 17.27 -15.30 3.63
CA GLY A 202 17.74 -14.11 4.32
C GLY A 202 16.78 -12.96 4.13
N GLY A 203 17.29 -11.85 3.60
CA GLY A 203 16.47 -10.67 3.39
C GLY A 203 15.97 -10.53 1.97
N LYS A 204 16.03 -11.63 1.19
CA LYS A 204 15.67 -11.65 -0.23
C LYS A 204 14.19 -12.00 -0.40
N ARG A 205 13.57 -11.34 -1.39
CA ARG A 205 12.13 -11.46 -1.68
C ARG A 205 11.92 -11.48 -3.19
N ILE A 206 10.90 -12.21 -3.63
CA ILE A 206 10.61 -12.41 -5.05
C ILE A 206 9.17 -11.99 -5.31
N ALA A 207 8.98 -11.18 -6.35
CA ALA A 207 7.65 -10.67 -6.72
C ALA A 207 7.29 -11.09 -8.13
N ARG A 208 6.03 -11.44 -8.33
CA ARG A 208 5.52 -11.83 -9.63
C ARG A 208 4.14 -11.19 -9.79
N LEU A 209 3.84 -10.66 -10.98
CA LEU A 209 2.50 -10.17 -11.27
C LEU A 209 1.56 -11.31 -11.58
N ILE A 210 0.33 -11.22 -11.09
CA ILE A 210 -0.64 -12.29 -11.21
C ILE A 210 -1.78 -11.83 -12.10
N ASP A 211 -2.11 -12.68 -13.08
CA ASP A 211 -3.25 -12.46 -13.95
C ASP A 211 -3.15 -11.11 -14.65
N ALA A 212 -1.94 -10.79 -15.13
CA ALA A 212 -1.64 -9.54 -15.83
C ALA A 212 -0.83 -9.84 -17.09
N PRO A 213 -1.44 -10.54 -18.06
CA PRO A 213 -0.68 -11.14 -19.17
C PRO A 213 -0.08 -10.10 -20.11
N HIS A 214 -0.51 -8.86 -19.97
CA HIS A 214 -0.08 -7.79 -20.86
C HIS A 214 1.12 -7.05 -20.28
N LEU A 215 1.55 -7.45 -19.08
CA LEU A 215 2.65 -6.80 -18.38
C LEU A 215 3.75 -7.83 -18.13
N PRO A 216 4.89 -7.41 -17.54
CA PRO A 216 6.04 -8.33 -17.51
C PRO A 216 5.74 -9.66 -16.84
N GLU A 217 6.25 -10.76 -17.42
CA GLU A 217 5.90 -12.11 -16.96
C GLU A 217 7.01 -12.69 -16.07
N GLY A 218 8.11 -11.99 -15.99
CA GLY A 218 9.22 -12.40 -15.15
C GLY A 218 8.98 -12.19 -13.67
N GLU A 219 10.06 -12.23 -12.92
CA GLU A 219 10.02 -12.00 -11.48
C GLU A 219 11.08 -11.00 -11.10
N ALA A 220 10.69 -10.10 -10.20
CA ALA A 220 11.59 -9.17 -9.56
C ALA A 220 12.11 -9.76 -8.28
N VAL A 221 13.36 -9.45 -7.95
CA VAL A 221 13.98 -9.91 -6.71
C VAL A 221 14.55 -8.68 -6.02
N PHE A 222 14.38 -8.61 -4.72
CA PHE A 222 14.90 -7.50 -3.95
C PHE A 222 15.23 -7.96 -2.54
N SER A 223 15.95 -7.10 -1.82
CA SER A 223 16.31 -7.34 -0.42
C SER A 223 15.69 -6.30 0.49
N ILE A 224 15.42 -6.72 1.71
CA ILE A 224 15.00 -5.83 2.77
C ILE A 224 16.26 -5.27 3.42
N THR A 225 16.39 -3.95 3.43
CA THR A 225 17.60 -3.30 3.95
C THR A 225 17.23 -2.08 4.78
N GLU A 226 18.26 -1.41 5.28
CA GLU A 226 18.07 -0.17 6.04
C GLU A 226 17.48 0.98 5.20
N LYS A 227 17.50 0.85 3.88
CA LYS A 227 16.85 1.82 2.99
C LYS A 227 15.42 1.39 2.60
N GLY A 228 14.91 0.35 3.24
CA GLY A 228 13.58 -0.16 2.94
C GLY A 228 13.76 -1.42 2.11
N ILE A 229 13.69 -1.28 0.79
CA ILE A 229 14.08 -2.35 -0.12
C ILE A 229 15.04 -1.81 -1.17
N GLU A 230 15.88 -2.71 -1.65
CA GLU A 230 16.87 -2.38 -2.66
C GLU A 230 17.14 -3.59 -3.47
N ASP A 231 17.63 -3.37 -4.67
CA ASP A 231 18.15 -4.47 -5.45
C ASP A 231 19.28 -5.17 -4.71
N PHE B 2 -7.51 9.82 12.28
CA PHE B 2 -6.14 9.86 11.84
C PHE B 2 -5.33 10.87 12.67
N HIS B 3 -4.10 10.49 13.01
CA HIS B 3 -3.20 11.40 13.70
C HIS B 3 -1.85 11.32 13.04
N THR B 4 -1.11 12.41 13.08
CA THR B 4 0.23 12.41 12.54
C THR B 4 1.09 11.34 13.22
N ALA B 5 1.98 10.71 12.45
CA ALA B 5 2.97 9.82 13.05
C ALA B 5 4.20 10.61 13.55
#